data_1JUN
#
_entry.id   1JUN
#
_cell.length_a   1.000
_cell.length_b   1.000
_cell.length_c   1.000
_cell.angle_alpha   90.00
_cell.angle_beta   90.00
_cell.angle_gamma   90.00
#
_symmetry.space_group_name_H-M   'P 1'
#
_entity_poly.entity_id   1
_entity_poly.type   'polypeptide(L)'
_entity_poly.pdbx_seq_one_letter_code
;(ACE)CGGRIARLEEKVKTLKAQNSELASTANMLREQVAQLKQKVMNY
;
_entity_poly.pdbx_strand_id   A,B
#
# COMPACT_ATOMS: atom_id res chain seq x y z
N CYS A 2 23.27 -21.80 12.29
CA CYS A 2 21.83 -21.85 12.14
C CYS A 2 21.48 -22.10 10.67
N GLY A 3 20.28 -22.52 10.39
CA GLY A 3 19.89 -22.77 9.01
C GLY A 3 18.42 -23.21 8.96
N GLY A 4 17.51 -22.31 9.20
CA GLY A 4 16.09 -22.68 9.17
C GLY A 4 15.24 -21.46 9.51
N ARG A 5 15.46 -20.85 10.64
CA ARG A 5 14.68 -19.68 11.01
C ARG A 5 15.06 -18.50 10.10
N ILE A 6 16.25 -18.52 9.57
CA ILE A 6 16.66 -17.41 8.70
C ILE A 6 15.91 -17.50 7.37
N ALA A 7 16.11 -18.56 6.64
CA ALA A 7 15.42 -18.70 5.37
C ALA A 7 13.94 -18.38 5.55
N ARG A 8 13.34 -18.85 6.61
CA ARG A 8 11.93 -18.59 6.83
C ARG A 8 11.71 -17.07 6.90
N LEU A 9 12.36 -16.41 7.81
CA LEU A 9 12.19 -14.96 7.93
C LEU A 9 12.30 -14.33 6.54
N GLU A 10 13.05 -14.93 5.66
CA GLU A 10 13.21 -14.38 4.32
C GLU A 10 11.90 -14.54 3.56
N GLU A 11 11.37 -15.73 3.50
CA GLU A 11 10.12 -15.94 2.79
C GLU A 11 9.07 -14.95 3.30
N LYS A 12 9.10 -14.66 4.57
CA LYS A 12 8.13 -13.73 5.13
C LYS A 12 8.40 -12.34 4.56
N VAL A 13 9.64 -11.91 4.55
CA VAL A 13 9.96 -10.60 4.02
C VAL A 13 9.56 -10.55 2.54
N LYS A 14 9.41 -11.68 1.93
CA LYS A 14 9.02 -11.70 0.51
C LYS A 14 7.53 -11.41 0.39
N THR A 15 6.73 -12.07 1.18
CA THR A 15 5.28 -11.84 1.09
C THR A 15 4.98 -10.39 1.52
N LEU A 16 5.77 -9.85 2.43
CA LEU A 16 5.52 -8.49 2.87
C LEU A 16 5.86 -7.51 1.74
N LYS A 17 7.02 -7.63 1.18
CA LYS A 17 7.40 -6.73 0.09
C LYS A 17 6.39 -6.84 -1.05
N ALA A 18 5.85 -8.01 -1.26
CA ALA A 18 4.89 -8.19 -2.34
C ALA A 18 3.64 -7.37 -2.05
N GLN A 19 2.90 -7.74 -1.03
CA GLN A 19 1.69 -7.00 -0.69
C GLN A 19 1.97 -5.50 -0.76
N ASN A 20 3.13 -5.09 -0.36
CA ASN A 20 3.46 -3.66 -0.40
C ASN A 20 3.32 -3.15 -1.85
N SER A 21 3.95 -3.81 -2.78
CA SER A 21 3.84 -3.37 -4.17
C SER A 21 2.38 -3.45 -4.62
N GLU A 22 1.60 -4.28 -3.98
CA GLU A 22 0.20 -4.40 -4.37
C GLU A 22 -0.54 -3.11 -4.00
N LEU A 23 -0.70 -2.86 -2.73
CA LEU A 23 -1.41 -1.64 -2.31
C LEU A 23 -0.73 -0.42 -2.93
N ALA A 24 0.50 -0.55 -3.35
CA ALA A 24 1.18 0.59 -3.95
C ALA A 24 0.59 0.88 -5.33
N SER A 25 0.47 -0.12 -6.15
CA SER A 25 -0.10 0.09 -7.48
C SER A 25 -1.56 0.53 -7.35
N THR A 26 -2.26 0.00 -6.38
CA THR A 26 -3.66 0.38 -6.20
C THR A 26 -3.74 1.88 -5.92
N ALA A 27 -2.98 2.36 -4.98
CA ALA A 27 -3.00 3.79 -4.67
C ALA A 27 -2.56 4.58 -5.90
N ASN A 28 -1.71 4.00 -6.71
CA ASN A 28 -1.25 4.71 -7.90
C ASN A 28 -2.41 4.87 -8.89
N MET A 29 -3.30 3.91 -8.94
CA MET A 29 -4.42 4.00 -9.86
C MET A 29 -5.43 5.03 -9.32
N LEU A 30 -5.71 4.99 -8.05
CA LEU A 30 -6.67 5.94 -7.49
C LEU A 30 -6.07 7.35 -7.51
N ARG A 31 -4.76 7.45 -7.60
CA ARG A 31 -4.13 8.76 -7.63
C ARG A 31 -4.27 9.36 -9.03
N GLU A 32 -3.85 8.66 -10.04
CA GLU A 32 -3.94 9.18 -11.39
C GLU A 32 -5.41 9.45 -11.74
N GLN A 33 -6.31 8.62 -11.28
CA GLN A 33 -7.71 8.84 -11.58
C GLN A 33 -8.25 10.03 -10.78
N VAL A 34 -7.87 10.12 -9.54
CA VAL A 34 -8.34 11.24 -8.72
C VAL A 34 -7.69 12.53 -9.21
N ALA A 35 -6.64 12.41 -9.99
CA ALA A 35 -5.99 13.61 -10.50
C ALA A 35 -6.75 14.13 -11.72
N GLN A 36 -7.05 13.27 -12.65
CA GLN A 36 -7.78 13.70 -13.83
C GLN A 36 -9.17 14.20 -13.40
N LEU A 37 -9.76 13.56 -12.43
CA LEU A 37 -11.07 13.98 -11.97
C LEU A 37 -10.95 15.33 -11.25
N LYS A 38 -9.99 15.45 -10.38
CA LYS A 38 -9.81 16.71 -9.66
C LYS A 38 -9.74 17.87 -10.67
N GLN A 39 -8.99 17.70 -11.71
CA GLN A 39 -8.87 18.76 -12.71
C GLN A 39 -10.25 19.07 -13.29
N LYS A 40 -11.04 18.07 -13.55
CA LYS A 40 -12.37 18.29 -14.11
C LYS A 40 -13.21 19.07 -13.09
N VAL A 41 -12.94 18.90 -11.83
CA VAL A 41 -13.72 19.61 -10.81
C VAL A 41 -13.22 21.05 -10.72
N MET A 42 -12.01 21.31 -11.12
CA MET A 42 -11.49 22.66 -11.06
C MET A 42 -12.24 23.55 -12.05
N ASN A 43 -13.29 24.20 -11.62
CA ASN A 43 -14.04 25.05 -12.52
C ASN A 43 -15.15 25.77 -11.74
N TYR A 44 -14.81 26.39 -10.65
CA TYR A 44 -15.83 27.08 -9.86
C TYR A 44 -15.15 28.04 -8.88
N CYS B 2 23.09 -18.48 17.13
CA CYS B 2 23.15 -17.21 16.39
C CYS B 2 22.51 -16.10 17.24
N GLY B 3 22.78 -14.87 16.92
CA GLY B 3 22.20 -13.78 17.68
C GLY B 3 22.63 -12.43 17.08
N GLY B 4 22.11 -12.09 15.94
CA GLY B 4 22.48 -10.83 15.32
C GLY B 4 21.76 -10.68 13.98
N ARG B 5 21.93 -11.63 13.09
CA ARG B 5 21.26 -11.53 11.79
C ARG B 5 19.76 -11.74 11.97
N ILE B 6 19.36 -12.41 13.02
CA ILE B 6 17.94 -12.64 13.24
C ILE B 6 17.28 -11.32 13.68
N ALA B 7 17.69 -10.80 14.80
CA ALA B 7 17.09 -9.55 15.27
C ALA B 7 17.05 -8.53 14.13
N ARG B 8 18.11 -8.46 13.35
CA ARG B 8 18.12 -7.51 12.24
C ARG B 8 16.96 -7.81 11.29
N LEU B 9 16.92 -9.02 10.76
CA LEU B 9 15.84 -9.37 9.85
C LEU B 9 14.49 -8.95 10.46
N GLU B 10 14.42 -8.92 11.76
CA GLU B 10 13.17 -8.53 12.41
C GLU B 10 12.94 -7.03 12.20
N GLU B 11 13.90 -6.22 12.54
CA GLU B 11 13.74 -4.78 12.36
C GLU B 11 13.32 -4.51 10.92
N LYS B 12 13.85 -5.26 9.99
CA LYS B 12 13.49 -5.05 8.59
C LYS B 12 12.01 -5.40 8.39
N VAL B 13 11.58 -6.51 8.91
CA VAL B 13 10.18 -6.89 8.76
C VAL B 13 9.30 -5.85 9.42
N LYS B 14 9.86 -5.05 10.29
CA LYS B 14 9.07 -4.03 10.97
C LYS B 14 8.87 -2.84 10.02
N THR B 15 9.92 -2.40 9.39
CA THR B 15 9.79 -1.27 8.47
C THR B 15 8.90 -1.67 7.29
N LEU B 16 8.95 -2.92 6.91
CA LEU B 16 8.13 -3.36 5.79
C LEU B 16 6.65 -3.34 6.19
N LYS B 17 6.33 -3.97 7.29
CA LYS B 17 4.93 -3.99 7.73
C LYS B 17 4.43 -2.55 7.91
N ALA B 18 5.29 -1.67 8.33
CA ALA B 18 4.87 -0.28 8.53
C ALA B 18 4.47 0.33 7.19
N GLN B 19 5.43 0.52 6.31
CA GLN B 19 5.12 1.11 5.02
C GLN B 19 3.86 0.48 4.45
N ASN B 20 3.65 -0.78 4.71
CA ASN B 20 2.45 -1.45 4.19
C ASN B 20 1.21 -0.74 4.75
N SER B 21 1.12 -0.61 6.04
CA SER B 21 -0.03 0.06 6.63
C SER B 21 -0.12 1.49 6.09
N GLU B 22 0.97 2.03 5.64
CA GLU B 22 0.96 3.39 5.11
C GLU B 22 0.19 3.42 3.78
N LEU B 23 0.74 2.82 2.76
CA LEU B 23 0.07 2.80 1.47
C LEU B 23 -1.32 2.20 1.62
N ALA B 24 -1.57 1.47 2.67
CA ALA B 24 -2.88 0.88 2.87
C ALA B 24 -3.88 1.98 3.23
N SER B 25 -3.56 2.80 4.20
CA SER B 25 -4.48 3.87 4.58
C SER B 25 -4.64 4.84 3.42
N THR B 26 -3.59 5.08 2.68
CA THR B 26 -3.69 6.00 1.55
C THR B 26 -4.73 5.46 0.56
N ALA B 27 -4.61 4.23 0.17
CA ALA B 27 -5.57 3.67 -0.78
C ALA B 27 -6.97 3.69 -0.15
N ASN B 28 -7.05 3.60 1.14
CA ASN B 28 -8.35 3.62 1.80
C ASN B 28 -8.97 5.01 1.65
N MET B 29 -8.17 6.04 1.67
CA MET B 29 -8.70 7.38 1.53
C MET B 29 -9.14 7.62 0.09
N LEU B 30 -8.34 7.20 -0.87
CA LEU B 30 -8.71 7.40 -2.26
C LEU B 30 -9.89 6.50 -2.61
N ARG B 31 -10.12 5.47 -1.85
CA ARG B 31 -11.24 4.58 -2.13
C ARG B 31 -12.54 5.22 -1.65
N GLU B 32 -12.58 5.62 -0.41
CA GLU B 32 -13.80 6.23 0.12
C GLU B 32 -14.12 7.51 -0.66
N GLN B 33 -13.12 8.25 -1.05
CA GLN B 33 -13.38 9.47 -1.80
C GLN B 33 -13.81 9.13 -3.23
N VAL B 34 -13.18 8.15 -3.83
CA VAL B 34 -13.57 7.79 -5.19
C VAL B 34 -14.94 7.13 -5.17
N ALA B 35 -15.39 6.71 -4.01
CA ALA B 35 -16.69 6.08 -3.92
C ALA B 35 -17.77 7.16 -3.87
N GLN B 36 -17.61 8.14 -3.02
CA GLN B 36 -18.60 9.21 -2.93
C GLN B 36 -18.64 9.95 -4.26
N LEU B 37 -17.52 10.12 -4.89
CA LEU B 37 -17.49 10.83 -6.17
C LEU B 37 -18.16 9.96 -7.23
N LYS B 38 -17.82 8.70 -7.28
CA LYS B 38 -18.42 7.82 -8.27
C LYS B 38 -19.94 7.92 -8.19
N GLN B 39 -20.49 7.89 -7.00
CA GLN B 39 -21.93 7.99 -6.86
C GLN B 39 -22.42 9.30 -7.47
N LYS B 40 -21.71 10.37 -7.24
CA LYS B 40 -22.12 11.66 -7.79
C LYS B 40 -22.10 11.59 -9.32
N VAL B 41 -21.23 10.79 -9.87
CA VAL B 41 -21.15 10.68 -11.32
C VAL B 41 -22.29 9.80 -11.84
N MET B 42 -22.81 8.94 -11.00
CA MET B 42 -23.91 8.08 -11.43
C MET B 42 -25.15 8.93 -11.70
N ASN B 43 -25.34 9.35 -12.91
CA ASN B 43 -26.51 10.17 -13.23
C ASN B 43 -26.53 10.46 -14.73
N TYR B 44 -26.42 9.44 -15.55
CA TYR B 44 -26.44 9.64 -16.99
C TYR B 44 -26.67 8.31 -17.70
N CYS A 2 19.81 -21.82 13.39
CA CYS A 2 20.02 -20.88 12.29
C CYS A 2 20.06 -21.64 10.97
N GLY A 3 18.97 -21.72 10.26
CA GLY A 3 18.96 -22.43 8.99
C GLY A 3 17.53 -22.82 8.63
N GLY A 4 16.70 -23.05 9.61
CA GLY A 4 15.32 -23.43 9.32
C GLY A 4 14.39 -22.24 9.59
N ARG A 5 14.82 -21.31 10.39
CA ARG A 5 13.98 -20.16 10.68
C ARG A 5 14.28 -19.05 9.67
N ILE A 6 15.45 -19.07 9.08
CA ILE A 6 15.80 -18.04 8.11
C ILE A 6 14.99 -18.26 6.83
N ALA A 7 14.76 -19.49 6.46
CA ALA A 7 14.00 -19.76 5.25
C ALA A 7 12.60 -19.15 5.39
N ARG A 8 11.94 -19.42 6.48
CA ARG A 8 10.60 -18.87 6.67
C ARG A 8 10.68 -17.35 6.72
N LEU A 9 11.59 -16.81 7.47
CA LEU A 9 11.72 -15.36 7.57
C LEU A 9 11.85 -14.77 6.16
N GLU A 10 12.70 -15.35 5.33
CA GLU A 10 12.87 -14.82 3.98
C GLU A 10 11.53 -14.89 3.23
N GLU A 11 10.89 -16.03 3.26
CA GLU A 11 9.61 -16.15 2.56
C GLU A 11 8.62 -15.14 3.15
N LYS A 12 8.77 -14.81 4.40
CA LYS A 12 7.86 -13.86 5.02
C LYS A 12 8.15 -12.45 4.48
N VAL A 13 9.38 -12.05 4.49
CA VAL A 13 9.72 -10.72 3.99
C VAL A 13 9.30 -10.62 2.52
N LYS A 14 9.27 -11.71 1.82
CA LYS A 14 8.88 -11.68 0.42
C LYS A 14 7.38 -11.39 0.32
N THR A 15 6.57 -12.14 1.01
CA THR A 15 5.13 -11.90 0.96
C THR A 15 4.85 -10.44 1.34
N LEU A 16 5.44 -9.97 2.40
CA LEU A 16 5.20 -8.59 2.80
C LEU A 16 5.47 -7.66 1.61
N LYS A 17 6.64 -7.74 1.03
CA LYS A 17 6.94 -6.89 -0.12
C LYS A 17 5.82 -7.02 -1.15
N ALA A 18 5.29 -8.20 -1.32
CA ALA A 18 4.21 -8.39 -2.28
C ALA A 18 3.08 -7.40 -1.97
N GLN A 19 2.46 -7.55 -0.83
CA GLN A 19 1.37 -6.66 -0.48
C GLN A 19 1.80 -5.20 -0.72
N ASN A 20 3.01 -4.87 -0.36
CA ASN A 20 3.48 -3.51 -0.56
C ASN A 20 3.26 -3.10 -2.02
N SER A 21 3.87 -3.78 -2.94
CA SER A 21 3.71 -3.43 -4.35
C SER A 21 2.23 -3.59 -4.74
N GLU A 22 1.51 -4.42 -4.04
CA GLU A 22 0.11 -4.62 -4.37
C GLU A 22 -0.69 -3.36 -4.00
N LEU A 23 -0.95 -3.17 -2.74
CA LEU A 23 -1.70 -1.99 -2.32
C LEU A 23 -1.08 -0.73 -2.93
N ALA A 24 0.21 -0.60 -2.85
CA ALA A 24 0.86 0.58 -3.41
C ALA A 24 0.33 0.84 -4.82
N SER A 25 0.50 -0.12 -5.70
CA SER A 25 0.03 0.07 -7.07
C SER A 25 -1.41 0.58 -7.05
N THR A 26 -2.26 -0.04 -6.29
CA THR A 26 -3.66 0.40 -6.24
C THR A 26 -3.71 1.88 -5.83
N ALA A 27 -3.09 2.22 -4.74
CA ALA A 27 -3.10 3.61 -4.30
C ALA A 27 -2.51 4.49 -5.40
N ASN A 28 -1.67 3.94 -6.22
CA ASN A 28 -1.07 4.74 -7.30
C ASN A 28 -2.14 5.06 -8.35
N MET A 29 -2.85 4.07 -8.81
CA MET A 29 -3.88 4.31 -9.82
C MET A 29 -4.98 5.20 -9.23
N LEU A 30 -5.52 4.82 -8.11
CA LEU A 30 -6.58 5.61 -7.49
C LEU A 30 -6.17 7.09 -7.48
N ARG A 31 -5.05 7.40 -6.89
CA ARG A 31 -4.60 8.78 -6.84
C ARG A 31 -4.56 9.37 -8.26
N GLU A 32 -4.15 8.58 -9.22
CA GLU A 32 -4.09 9.09 -10.59
C GLU A 32 -5.49 9.49 -11.06
N GLN A 33 -6.48 8.70 -10.76
CA GLN A 33 -7.83 9.04 -11.18
C GLN A 33 -8.28 10.31 -10.47
N VAL A 34 -8.32 10.28 -9.17
CA VAL A 34 -8.74 11.47 -8.43
C VAL A 34 -7.88 12.66 -8.87
N ALA A 35 -6.69 12.41 -9.35
CA ALA A 35 -5.83 13.51 -9.78
C ALA A 35 -6.34 14.07 -11.11
N GLN A 36 -6.67 13.21 -12.04
CA GLN A 36 -7.16 13.68 -13.33
C GLN A 36 -8.61 14.13 -13.18
N LEU A 37 -9.27 13.71 -12.14
CA LEU A 37 -10.66 14.10 -11.95
C LEU A 37 -10.70 15.47 -11.25
N LYS A 38 -9.97 15.63 -10.19
CA LYS A 38 -9.97 16.90 -9.48
C LYS A 38 -9.24 17.95 -10.33
N GLN A 39 -8.12 17.59 -10.88
CA GLN A 39 -7.38 18.54 -11.70
C GLN A 39 -8.29 19.08 -12.80
N LYS A 40 -9.08 18.23 -13.39
CA LYS A 40 -9.98 18.69 -14.44
C LYS A 40 -10.94 19.75 -13.89
N VAL A 41 -11.36 19.60 -12.67
CA VAL A 41 -12.27 20.58 -12.09
C VAL A 41 -11.49 21.83 -11.68
N MET A 42 -10.37 21.65 -11.02
CA MET A 42 -9.59 22.81 -10.59
C MET A 42 -8.74 23.30 -11.76
N ASN A 43 -8.85 24.55 -12.10
CA ASN A 43 -8.06 25.09 -13.21
C ASN A 43 -8.34 24.27 -14.47
N TYR A 44 -7.96 24.77 -15.61
CA TYR A 44 -8.20 24.03 -16.86
C TYR A 44 -6.86 23.56 -17.42
N CYS B 2 23.98 -16.24 14.46
CA CYS B 2 22.57 -16.13 14.79
C CYS B 2 22.40 -15.26 16.04
N GLY B 3 22.14 -13.99 15.86
CA GLY B 3 21.97 -13.11 17.02
C GLY B 3 22.17 -11.66 16.59
N GLY B 4 23.01 -11.43 15.61
CA GLY B 4 23.24 -10.06 15.17
C GLY B 4 22.49 -9.81 13.86
N ARG B 5 22.20 -10.85 13.12
CA ARG B 5 21.49 -10.67 11.86
C ARG B 5 19.98 -10.73 12.11
N ILE B 6 19.57 -11.36 13.18
CA ILE B 6 18.15 -11.45 13.46
C ILE B 6 17.63 -10.08 13.91
N ALA B 7 18.43 -9.33 14.61
CA ALA B 7 17.99 -8.02 15.06
C ALA B 7 17.69 -7.14 13.84
N ARG B 8 18.59 -7.10 12.90
CA ARG B 8 18.36 -6.29 11.71
C ARG B 8 17.14 -6.83 10.95
N LEU B 9 17.08 -8.12 10.75
CA LEU B 9 15.96 -8.70 10.03
C LEU B 9 14.65 -8.27 10.69
N GLU B 10 14.57 -8.33 11.99
CA GLU B 10 13.34 -7.93 12.66
C GLU B 10 13.06 -6.46 12.39
N GLU B 11 14.04 -5.61 12.56
CA GLU B 11 13.83 -4.18 12.31
C GLU B 11 13.43 -4.00 10.84
N LYS B 12 13.89 -4.86 9.98
CA LYS B 12 13.56 -4.74 8.57
C LYS B 12 12.08 -5.12 8.36
N VAL B 13 11.66 -6.23 8.89
CA VAL B 13 10.28 -6.64 8.72
C VAL B 13 9.36 -5.58 9.34
N LYS B 14 9.84 -4.87 10.32
CA LYS B 14 9.01 -3.84 10.95
C LYS B 14 8.83 -2.68 9.97
N THR B 15 9.90 -2.16 9.44
CA THR B 15 9.78 -1.06 8.50
C THR B 15 8.84 -1.46 7.35
N LEU B 16 9.04 -2.62 6.80
CA LEU B 16 8.18 -3.06 5.71
C LEU B 16 6.72 -2.93 6.14
N LYS B 17 6.37 -3.54 7.23
CA LYS B 17 4.99 -3.46 7.70
C LYS B 17 4.56 -1.99 7.75
N ALA B 18 5.46 -1.12 8.12
CA ALA B 18 5.12 0.30 8.19
C ALA B 18 4.60 0.76 6.82
N GLN B 19 5.42 0.70 5.81
CA GLN B 19 4.99 1.13 4.49
C GLN B 19 3.64 0.49 4.16
N ASN B 20 3.48 -0.77 4.44
CA ASN B 20 2.21 -1.43 4.16
C ASN B 20 1.07 -0.60 4.75
N SER B 21 1.01 -0.48 6.04
CA SER B 21 -0.07 0.28 6.65
C SER B 21 -0.05 1.71 6.12
N GLU B 22 1.08 2.18 5.67
CA GLU B 22 1.16 3.54 5.15
C GLU B 22 0.42 3.61 3.82
N LEU B 23 1.01 3.10 2.77
CA LEU B 23 0.37 3.14 1.47
C LEU B 23 -1.05 2.57 1.58
N ALA B 24 -1.21 1.45 2.23
CA ALA B 24 -2.53 0.85 2.36
C ALA B 24 -3.53 1.93 2.80
N SER B 25 -3.30 2.54 3.93
CA SER B 25 -4.21 3.57 4.40
C SER B 25 -4.51 4.56 3.28
N THR B 26 -3.49 5.05 2.62
CA THR B 26 -3.71 6.00 1.53
C THR B 26 -4.66 5.38 0.51
N ALA B 27 -4.35 4.21 0.01
CA ALA B 27 -5.20 3.57 -0.97
C ALA B 27 -6.61 3.41 -0.39
N ASN B 28 -6.71 3.33 0.91
CA ASN B 28 -8.02 3.16 1.53
C ASN B 28 -8.82 4.47 1.40
N MET B 29 -8.23 5.58 1.77
CA MET B 29 -8.94 6.84 1.66
C MET B 29 -9.23 7.16 0.19
N LEU B 30 -8.23 7.12 -0.63
CA LEU B 30 -8.44 7.42 -2.05
C LEU B 30 -9.65 6.64 -2.56
N ARG B 31 -9.64 5.34 -2.42
CA ARG B 31 -10.76 4.54 -2.90
C ARG B 31 -12.07 5.07 -2.29
N GLU B 32 -12.03 5.48 -1.04
CA GLU B 32 -13.24 5.98 -0.40
C GLU B 32 -13.74 7.23 -1.14
N GLN B 33 -12.84 8.10 -1.51
CA GLN B 33 -13.28 9.30 -2.23
C GLN B 33 -13.86 8.91 -3.58
N VAL B 34 -13.07 8.28 -4.41
CA VAL B 34 -13.56 7.87 -5.73
C VAL B 34 -14.84 7.05 -5.55
N ALA B 35 -15.01 6.43 -4.42
CA ALA B 35 -16.20 5.63 -4.19
C ALA B 35 -17.40 6.56 -3.95
N GLN B 36 -17.23 7.55 -3.12
CA GLN B 36 -18.33 8.46 -2.84
C GLN B 36 -18.50 9.41 -4.02
N LEU B 37 -17.51 9.53 -4.86
CA LEU B 37 -17.61 10.43 -6.00
C LEU B 37 -18.31 9.69 -7.15
N LYS B 38 -17.85 8.52 -7.47
CA LYS B 38 -18.47 7.77 -8.55
C LYS B 38 -19.86 7.30 -8.12
N GLN B 39 -19.98 6.78 -6.93
CA GLN B 39 -21.29 6.32 -6.46
C GLN B 39 -22.29 7.46 -6.59
N LYS B 40 -21.89 8.66 -6.26
CA LYS B 40 -22.81 9.79 -6.36
C LYS B 40 -23.28 9.95 -7.81
N VAL B 41 -22.41 9.70 -8.75
CA VAL B 41 -22.80 9.84 -10.16
C VAL B 41 -23.62 8.62 -10.58
N MET B 42 -23.18 7.44 -10.26
CA MET B 42 -23.92 6.25 -10.64
C MET B 42 -25.06 6.02 -9.64
N ASN B 43 -26.27 5.91 -10.13
CA ASN B 43 -27.40 5.68 -9.24
C ASN B 43 -27.45 6.82 -8.20
N TYR B 44 -28.56 6.94 -7.52
CA TYR B 44 -28.67 8.00 -6.51
C TYR B 44 -28.73 7.36 -5.12
N CYS A 2 23.26 -22.76 12.04
CA CYS A 2 21.97 -22.08 12.03
C CYS A 2 21.29 -22.29 10.67
N GLY A 3 20.06 -22.70 10.67
CA GLY A 3 19.36 -22.92 9.40
C GLY A 3 17.94 -23.41 9.67
N GLY A 4 16.95 -22.65 9.28
CA GLY A 4 15.57 -23.06 9.52
C GLY A 4 14.69 -21.82 9.74
N ARG A 5 15.12 -20.93 10.59
CA ARG A 5 14.33 -19.73 10.84
C ARG A 5 14.57 -18.72 9.72
N ILE A 6 15.76 -18.69 9.19
CA ILE A 6 16.06 -17.75 8.11
C ILE A 6 15.08 -17.96 6.95
N ALA A 7 14.99 -19.16 6.45
CA ALA A 7 14.08 -19.44 5.34
C ALA A 7 12.70 -18.85 5.66
N ARG A 8 12.21 -19.07 6.84
CA ARG A 8 10.90 -18.55 7.20
C ARG A 8 10.92 -17.02 7.15
N LEU A 9 11.89 -16.41 7.78
CA LEU A 9 11.96 -14.95 7.77
C LEU A 9 12.03 -14.45 6.32
N GLU A 10 13.02 -14.88 5.58
CA GLU A 10 13.14 -14.43 4.20
C GLU A 10 11.81 -14.63 3.48
N GLU A 11 11.16 -15.73 3.70
CA GLU A 11 9.87 -15.96 3.05
C GLU A 11 8.89 -14.85 3.43
N LYS A 12 8.98 -14.38 4.65
CA LYS A 12 8.07 -13.33 5.09
C LYS A 12 8.50 -12.00 4.46
N VAL A 13 9.76 -11.67 4.54
CA VAL A 13 10.23 -10.41 3.97
C VAL A 13 9.85 -10.36 2.49
N LYS A 14 9.82 -11.48 1.82
CA LYS A 14 9.46 -11.48 0.42
C LYS A 14 7.95 -11.24 0.28
N THR A 15 7.16 -12.04 0.95
CA THR A 15 5.71 -11.85 0.86
C THR A 15 5.37 -10.38 1.14
N LEU A 16 6.05 -9.79 2.09
CA LEU A 16 5.77 -8.39 2.40
C LEU A 16 6.05 -7.54 1.16
N LYS A 17 7.26 -7.54 0.69
CA LYS A 17 7.60 -6.74 -0.49
C LYS A 17 6.50 -6.93 -1.54
N ALA A 18 5.87 -8.06 -1.56
CA ALA A 18 4.81 -8.29 -2.54
C ALA A 18 3.62 -7.37 -2.23
N GLN A 19 3.06 -7.50 -1.06
CA GLN A 19 1.92 -6.66 -0.70
C GLN A 19 2.26 -5.19 -0.97
N ASN A 20 3.49 -4.80 -0.73
CA ASN A 20 3.87 -3.42 -0.98
C ASN A 20 3.67 -3.09 -2.45
N SER A 21 4.22 -3.88 -3.33
CA SER A 21 4.07 -3.62 -4.75
C SER A 21 2.59 -3.69 -5.11
N GLU A 22 1.82 -4.46 -4.40
CA GLU A 22 0.40 -4.56 -4.69
C GLU A 22 -0.31 -3.27 -4.26
N LEU A 23 -0.42 -3.06 -2.97
CA LEU A 23 -1.09 -1.84 -2.50
C LEU A 23 -0.47 -0.62 -3.19
N ALA A 24 0.77 -0.71 -3.58
CA ALA A 24 1.41 0.43 -4.24
C ALA A 24 0.71 0.71 -5.57
N SER A 25 0.60 -0.28 -6.42
CA SER A 25 -0.05 -0.07 -7.70
C SER A 25 -1.50 0.36 -7.47
N THR A 26 -2.17 -0.26 -6.53
CA THR A 26 -3.55 0.09 -6.27
C THR A 26 -3.65 1.59 -5.95
N ALA A 27 -2.86 2.06 -5.03
CA ALA A 27 -2.91 3.47 -4.68
C ALA A 27 -2.63 4.31 -5.93
N ASN A 28 -1.50 4.12 -6.54
CA ASN A 28 -1.17 4.88 -7.75
C ASN A 28 -2.39 4.89 -8.68
N MET A 29 -3.15 3.83 -8.68
CA MET A 29 -4.32 3.77 -9.55
C MET A 29 -5.35 4.81 -9.07
N LEU A 30 -5.80 4.69 -7.86
CA LEU A 30 -6.79 5.65 -7.35
C LEU A 30 -6.17 7.05 -7.36
N ARG A 31 -4.88 7.15 -7.47
CA ARG A 31 -4.23 8.46 -7.49
C ARG A 31 -4.46 9.11 -8.85
N GLU A 32 -4.21 8.40 -9.92
CA GLU A 32 -4.40 8.98 -11.24
C GLU A 32 -5.89 9.30 -11.45
N GLN A 33 -6.76 8.47 -10.95
CA GLN A 33 -8.18 8.74 -11.12
C GLN A 33 -8.55 10.03 -10.39
N VAL A 34 -8.37 10.06 -9.11
CA VAL A 34 -8.69 11.27 -8.36
C VAL A 34 -8.10 12.48 -9.07
N ALA A 35 -6.96 12.33 -9.69
CA ALA A 35 -6.36 13.45 -10.39
C ALA A 35 -7.23 13.81 -11.60
N GLN A 36 -7.83 12.84 -12.22
CA GLN A 36 -8.68 13.13 -13.37
C GLN A 36 -10.00 13.71 -12.89
N LEU A 37 -10.67 13.03 -11.99
CA LEU A 37 -11.95 13.53 -11.49
C LEU A 37 -11.76 14.96 -10.98
N LYS A 38 -10.61 15.28 -10.48
CA LYS A 38 -10.38 16.63 -9.98
C LYS A 38 -9.99 17.55 -11.15
N GLN A 39 -8.95 17.22 -11.84
CA GLN A 39 -8.54 18.05 -12.97
C GLN A 39 -9.77 18.38 -13.83
N LYS A 40 -10.59 17.40 -14.09
CA LYS A 40 -11.77 17.64 -14.90
C LYS A 40 -12.52 18.86 -14.33
N VAL A 41 -12.70 18.91 -13.05
CA VAL A 41 -13.39 20.05 -12.45
C VAL A 41 -12.58 21.32 -12.68
N MET A 42 -11.28 21.22 -12.55
CA MET A 42 -10.44 22.40 -12.75
C MET A 42 -10.12 22.55 -14.24
N ASN A 43 -10.99 23.16 -15.00
CA ASN A 43 -10.73 23.32 -16.42
C ASN A 43 -11.36 24.63 -16.90
N TYR A 44 -10.62 25.70 -16.87
CA TYR A 44 -11.15 26.98 -17.32
C TYR A 44 -11.59 26.86 -18.79
N CYS B 2 23.69 -18.02 17.85
CA CYS B 2 23.23 -17.18 16.75
C CYS B 2 22.64 -15.88 17.29
N GLY B 3 23.07 -14.77 16.76
CA GLY B 3 22.56 -13.48 17.24
C GLY B 3 23.22 -12.34 16.47
N GLY B 4 22.45 -11.59 15.73
CA GLY B 4 23.02 -10.48 14.98
C GLY B 4 22.21 -10.27 13.69
N ARG B 5 21.96 -11.32 12.96
CA ARG B 5 21.20 -11.18 11.73
C ARG B 5 19.71 -11.08 12.07
N ILE B 6 19.28 -11.77 13.09
CA ILE B 6 17.87 -11.73 13.46
C ILE B 6 17.45 -10.29 13.72
N ALA B 7 18.14 -9.58 14.58
CA ALA B 7 17.78 -8.21 14.86
C ALA B 7 17.60 -7.44 13.55
N ARG B 8 18.50 -7.60 12.62
CA ARG B 8 18.37 -6.90 11.35
C ARG B 8 17.10 -7.36 10.63
N LEU B 9 16.91 -8.64 10.50
CA LEU B 9 15.71 -9.13 9.82
C LEU B 9 14.47 -8.58 10.52
N GLU B 10 14.30 -8.86 11.78
CA GLU B 10 13.13 -8.37 12.51
C GLU B 10 12.97 -6.87 12.24
N GLU B 11 14.04 -6.13 12.27
CA GLU B 11 13.95 -4.69 12.03
C GLU B 11 13.34 -4.45 10.65
N LYS B 12 13.65 -5.29 9.70
CA LYS B 12 13.11 -5.11 8.36
C LYS B 12 11.64 -5.54 8.34
N VAL B 13 11.34 -6.69 8.87
CA VAL B 13 9.96 -7.14 8.88
C VAL B 13 9.07 -6.07 9.54
N LYS B 14 9.60 -5.37 10.51
CA LYS B 14 8.80 -4.34 11.17
C LYS B 14 8.65 -3.14 10.24
N THR B 15 9.74 -2.61 9.74
CA THR B 15 9.65 -1.47 8.85
C THR B 15 8.65 -1.79 7.73
N LEU B 16 8.66 -3.00 7.24
CA LEU B 16 7.74 -3.37 6.18
C LEU B 16 6.30 -3.20 6.68
N LYS B 17 5.94 -3.93 7.70
CA LYS B 17 4.58 -3.82 8.24
C LYS B 17 4.20 -2.33 8.34
N ALA B 18 5.16 -1.48 8.54
CA ALA B 18 4.85 -0.05 8.63
C ALA B 18 4.37 0.45 7.28
N GLN B 19 5.19 0.33 6.27
CA GLN B 19 4.80 0.79 4.95
C GLN B 19 3.43 0.20 4.59
N ASN B 20 3.19 -1.02 4.98
CA ASN B 20 1.90 -1.64 4.66
C ASN B 20 0.78 -0.81 5.30
N SER B 21 0.88 -0.52 6.56
CA SER B 21 -0.16 0.27 7.22
C SER B 21 -0.21 1.66 6.59
N GLU B 22 0.89 2.13 6.09
CA GLU B 22 0.90 3.46 5.47
C GLU B 22 0.17 3.41 4.12
N LEU B 23 0.74 2.77 3.15
CA LEU B 23 0.08 2.69 1.85
C LEU B 23 -1.36 2.18 2.03
N ALA B 24 -1.60 1.43 3.06
CA ALA B 24 -2.94 0.91 3.29
C ALA B 24 -3.90 2.07 3.55
N SER B 25 -3.57 2.91 4.52
CA SER B 25 -4.44 4.03 4.82
C SER B 25 -4.54 4.95 3.61
N THR B 26 -3.46 5.17 2.91
CA THR B 26 -3.50 6.04 1.74
C THR B 26 -4.52 5.50 0.73
N ALA B 27 -4.41 4.25 0.39
CA ALA B 27 -5.36 3.68 -0.57
C ALA B 27 -6.79 3.86 -0.04
N ASN B 28 -7.07 3.33 1.13
CA ASN B 28 -8.41 3.47 1.67
C ASN B 28 -8.87 4.92 1.54
N MET B 29 -7.96 5.85 1.62
CA MET B 29 -8.33 7.26 1.49
C MET B 29 -8.82 7.52 0.07
N LEU B 30 -7.99 7.28 -0.92
CA LEU B 30 -8.39 7.50 -2.29
C LEU B 30 -9.58 6.60 -2.63
N ARG B 31 -9.82 5.59 -1.84
CA ARG B 31 -10.93 4.69 -2.10
C ARG B 31 -12.24 5.38 -1.72
N GLU B 32 -12.30 5.96 -0.55
CA GLU B 32 -13.52 6.63 -0.13
C GLU B 32 -13.80 7.83 -1.04
N GLN B 33 -12.77 8.51 -1.46
CA GLN B 33 -12.98 9.66 -2.34
C GLN B 33 -13.57 9.17 -3.66
N VAL B 34 -12.86 8.35 -4.37
CA VAL B 34 -13.38 7.84 -5.63
C VAL B 34 -14.82 7.38 -5.45
N ALA B 35 -15.14 6.85 -4.30
CA ALA B 35 -16.51 6.40 -4.06
C ALA B 35 -17.43 7.60 -4.01
N GLN B 36 -16.96 8.71 -3.51
CA GLN B 36 -17.80 9.89 -3.44
C GLN B 36 -17.89 10.53 -4.82
N LEU B 37 -16.78 10.80 -5.44
CA LEU B 37 -16.79 11.41 -6.76
C LEU B 37 -17.68 10.57 -7.69
N LYS B 38 -17.73 9.29 -7.47
CA LYS B 38 -18.55 8.44 -8.33
C LYS B 38 -20.00 8.47 -7.82
N GLN B 39 -20.22 8.08 -6.59
CA GLN B 39 -21.58 8.10 -6.06
C GLN B 39 -22.25 9.42 -6.43
N LYS B 40 -21.55 10.51 -6.27
CA LYS B 40 -22.13 11.81 -6.60
C LYS B 40 -22.73 11.74 -8.01
N VAL B 41 -22.00 11.19 -8.94
CA VAL B 41 -22.53 11.10 -10.31
C VAL B 41 -23.75 10.18 -10.31
N MET B 42 -23.70 9.10 -9.57
CA MET B 42 -24.82 8.18 -9.54
C MET B 42 -25.83 8.65 -8.48
N ASN B 43 -26.70 9.57 -8.84
CA ASN B 43 -27.68 10.05 -7.88
C ASN B 43 -28.97 10.41 -8.61
N TYR B 44 -29.88 9.48 -8.72
CA TYR B 44 -31.14 9.75 -9.41
C TYR B 44 -31.87 10.89 -8.69
N CYS A 2 21.14 -19.04 8.96
CA CYS A 2 21.38 -19.60 10.29
C CYS A 2 20.76 -20.98 10.38
N GLY A 3 19.59 -21.15 9.83
CA GLY A 3 18.93 -22.46 9.90
C GLY A 3 17.80 -22.50 8.87
N GLY A 4 16.71 -23.12 9.21
CA GLY A 4 15.59 -23.20 8.28
C GLY A 4 14.58 -22.09 8.59
N ARG A 5 14.52 -21.66 9.83
CA ARG A 5 13.58 -20.61 10.19
C ARG A 5 13.94 -19.32 9.42
N ILE A 6 15.19 -19.11 9.17
CA ILE A 6 15.59 -17.91 8.44
C ILE A 6 15.16 -18.05 6.98
N ALA A 7 15.26 -19.24 6.44
CA ALA A 7 14.86 -19.43 5.05
C ALA A 7 13.41 -18.96 4.88
N ARG A 8 12.50 -19.54 5.61
CA ARG A 8 11.11 -19.11 5.49
C ARG A 8 11.01 -17.62 5.79
N LEU A 9 11.64 -17.17 6.84
CA LEU A 9 11.58 -15.75 7.17
C LEU A 9 11.94 -14.93 5.93
N GLU A 10 12.97 -15.31 5.22
CA GLU A 10 13.35 -14.56 4.03
C GLU A 10 12.23 -14.68 2.98
N GLU A 11 11.57 -15.80 2.94
CA GLU A 11 10.49 -15.96 1.97
C GLU A 11 9.32 -15.05 2.37
N LYS A 12 9.06 -14.96 3.64
CA LYS A 12 7.97 -14.10 4.10
C LYS A 12 8.32 -12.65 3.79
N VAL A 13 9.57 -12.29 3.91
CA VAL A 13 9.97 -10.92 3.61
C VAL A 13 9.65 -10.60 2.16
N LYS A 14 10.13 -11.40 1.25
CA LYS A 14 9.85 -11.16 -0.16
C LYS A 14 8.34 -11.08 -0.37
N THR A 15 7.60 -11.97 0.23
CA THR A 15 6.15 -11.93 0.08
C THR A 15 5.64 -10.55 0.52
N LEU A 16 6.12 -10.05 1.62
CA LEU A 16 5.67 -8.75 2.09
C LEU A 16 6.01 -7.71 1.02
N LYS A 17 7.24 -7.64 0.60
CA LYS A 17 7.62 -6.68 -0.43
C LYS A 17 6.61 -6.74 -1.57
N ALA A 18 6.24 -7.92 -1.98
CA ALA A 18 5.27 -8.04 -3.07
C ALA A 18 4.02 -7.23 -2.72
N GLN A 19 3.35 -7.57 -1.66
CA GLN A 19 2.16 -6.84 -1.28
C GLN A 19 2.44 -5.34 -1.32
N ASN A 20 3.64 -4.94 -0.94
CA ASN A 20 3.96 -3.52 -0.96
C ASN A 20 3.84 -3.00 -2.39
N SER A 21 4.36 -3.73 -3.35
CA SER A 21 4.27 -3.30 -4.74
C SER A 21 2.79 -3.32 -5.16
N GLU A 22 2.03 -4.20 -4.59
CA GLU A 22 0.61 -4.28 -4.95
C GLU A 22 -0.12 -3.06 -4.41
N LEU A 23 0.05 -2.76 -3.15
CA LEU A 23 -0.61 -1.61 -2.57
C LEU A 23 -0.09 -0.33 -3.22
N ALA A 24 1.19 -0.27 -3.49
CA ALA A 24 1.75 0.92 -4.11
C ALA A 24 1.13 1.11 -5.50
N SER A 25 1.08 0.06 -6.27
CA SER A 25 0.51 0.17 -7.61
C SER A 25 -0.97 0.53 -7.51
N THR A 26 -1.70 -0.17 -6.69
CA THR A 26 -3.12 0.12 -6.53
C THR A 26 -3.31 1.57 -6.12
N ALA A 27 -2.66 2.00 -5.08
CA ALA A 27 -2.80 3.37 -4.63
C ALA A 27 -2.60 4.32 -5.82
N ASN A 28 -1.50 4.20 -6.51
CA ASN A 28 -1.26 5.07 -7.65
C ASN A 28 -2.45 5.00 -8.62
N MET A 29 -3.03 3.85 -8.77
CA MET A 29 -4.17 3.72 -9.67
C MET A 29 -5.30 4.62 -9.19
N LEU A 30 -5.55 4.67 -7.91
CA LEU A 30 -6.61 5.52 -7.39
C LEU A 30 -6.23 6.99 -7.55
N ARG A 31 -4.95 7.27 -7.62
CA ARG A 31 -4.52 8.66 -7.76
C ARG A 31 -4.66 9.10 -9.21
N GLU A 32 -4.12 8.34 -10.13
CA GLU A 32 -4.22 8.72 -11.54
C GLU A 32 -5.69 8.79 -11.96
N GLN A 33 -6.52 7.98 -11.37
CA GLN A 33 -7.94 8.00 -11.74
C GLN A 33 -8.63 9.21 -11.09
N VAL A 34 -8.30 9.49 -9.85
CA VAL A 34 -8.92 10.62 -9.18
C VAL A 34 -8.62 11.89 -9.97
N ALA A 35 -7.38 12.12 -10.31
CA ALA A 35 -7.03 13.32 -11.06
C ALA A 35 -7.73 13.26 -12.43
N GLN A 36 -7.79 12.10 -13.02
CA GLN A 36 -8.43 11.98 -14.32
C GLN A 36 -9.93 12.25 -14.15
N LEU A 37 -10.46 11.99 -12.99
CA LEU A 37 -11.87 12.23 -12.76
C LEU A 37 -12.10 13.72 -12.48
N LYS A 38 -11.47 14.24 -11.45
CA LYS A 38 -11.64 15.65 -11.14
C LYS A 38 -11.48 16.48 -12.42
N GLN A 39 -10.53 16.13 -13.25
CA GLN A 39 -10.34 16.88 -14.48
C GLN A 39 -11.64 16.90 -15.28
N LYS A 40 -12.18 15.75 -15.56
CA LYS A 40 -13.43 15.70 -16.33
C LYS A 40 -14.47 16.62 -15.66
N VAL A 41 -14.34 16.85 -14.40
CA VAL A 41 -15.29 17.71 -13.71
C VAL A 41 -14.81 19.16 -13.80
N MET A 42 -13.56 19.37 -14.12
CA MET A 42 -13.05 20.73 -14.23
C MET A 42 -13.56 21.35 -15.52
N ASN A 43 -14.04 22.57 -15.47
CA ASN A 43 -14.54 23.21 -16.69
C ASN A 43 -14.09 24.68 -16.72
N TYR A 44 -14.82 25.55 -16.07
CA TYR A 44 -14.43 26.96 -16.05
C TYR A 44 -15.53 27.78 -15.38
N CYS B 2 19.07 -15.89 16.56
CA CYS B 2 20.27 -16.59 16.15
C CYS B 2 21.49 -15.71 16.44
N GLY B 3 21.39 -14.43 16.18
CA GLY B 3 22.52 -13.55 16.43
C GLY B 3 22.04 -12.10 16.42
N GLY B 4 22.82 -11.20 15.88
CA GLY B 4 22.42 -9.81 15.84
C GLY B 4 21.78 -9.49 14.48
N ARG B 5 22.17 -10.20 13.46
CA ARG B 5 21.59 -9.95 12.14
C ARG B 5 20.09 -10.23 12.18
N ILE B 6 19.67 -11.18 12.97
CA ILE B 6 18.25 -11.48 13.05
C ILE B 6 17.53 -10.35 13.78
N ALA B 7 18.17 -9.79 14.78
CA ALA B 7 17.54 -8.70 15.51
C ALA B 7 17.17 -7.60 14.53
N ARG B 8 18.12 -7.06 13.83
CA ARG B 8 17.82 -6.00 12.86
C ARG B 8 16.79 -6.52 11.86
N LEU B 9 17.00 -7.70 11.34
CA LEU B 9 16.06 -8.25 10.38
C LEU B 9 14.64 -8.15 10.95
N GLU B 10 14.46 -8.50 12.19
CA GLU B 10 13.12 -8.42 12.78
C GLU B 10 12.68 -6.96 12.83
N GLU B 11 13.61 -6.06 13.03
CA GLU B 11 13.25 -4.65 13.09
C GLU B 11 12.84 -4.19 11.69
N LYS B 12 13.52 -4.66 10.68
CA LYS B 12 13.19 -4.27 9.32
C LYS B 12 11.81 -4.84 8.98
N VAL B 13 11.50 -6.01 9.47
CA VAL B 13 10.20 -6.59 9.19
C VAL B 13 9.10 -5.68 9.74
N LYS B 14 9.18 -5.36 11.01
CA LYS B 14 8.18 -4.49 11.60
C LYS B 14 8.09 -3.19 10.79
N THR B 15 9.22 -2.64 10.44
CA THR B 15 9.21 -1.40 9.66
C THR B 15 8.39 -1.63 8.39
N LEU B 16 8.59 -2.74 7.72
CA LEU B 16 7.85 -3.01 6.51
C LEU B 16 6.35 -3.04 6.84
N LYS B 17 5.97 -3.83 7.80
CA LYS B 17 4.56 -3.91 8.17
C LYS B 17 4.01 -2.49 8.33
N ALA B 18 4.75 -1.62 8.95
CA ALA B 18 4.30 -0.25 9.13
C ALA B 18 3.93 0.34 7.77
N GLN B 19 4.88 0.43 6.87
CA GLN B 19 4.60 0.98 5.57
C GLN B 19 3.34 0.32 4.99
N ASN B 20 3.17 -0.95 5.23
CA ASN B 20 1.99 -1.63 4.72
C ASN B 20 0.73 -0.95 5.27
N SER B 21 0.72 -0.68 6.56
CA SER B 21 -0.45 -0.02 7.15
C SER B 21 -0.57 1.38 6.56
N GLU B 22 0.53 1.98 6.20
CA GLU B 22 0.49 3.33 5.64
C GLU B 22 -0.12 3.27 4.24
N LEU B 23 0.37 2.39 3.41
CA LEU B 23 -0.17 2.28 2.05
C LEU B 23 -1.63 1.81 2.13
N ALA B 24 -1.93 0.91 3.02
CA ALA B 24 -3.30 0.42 3.13
C ALA B 24 -4.22 1.57 3.55
N SER B 25 -3.82 2.33 4.54
CA SER B 25 -4.65 3.44 4.98
C SER B 25 -4.77 4.48 3.86
N THR B 26 -3.67 4.84 3.25
CA THR B 26 -3.72 5.82 2.18
C THR B 26 -4.63 5.33 1.07
N ALA B 27 -4.41 4.13 0.59
CA ALA B 27 -5.25 3.60 -0.47
C ALA B 27 -6.72 3.76 -0.09
N ASN B 28 -7.10 3.28 1.05
CA ASN B 28 -8.50 3.40 1.46
C ASN B 28 -8.92 4.88 1.40
N MET B 29 -8.04 5.76 1.74
CA MET B 29 -8.38 7.18 1.70
C MET B 29 -8.75 7.58 0.27
N LEU B 30 -8.01 7.11 -0.70
CA LEU B 30 -8.31 7.45 -2.08
C LEU B 30 -9.62 6.77 -2.51
N ARG B 31 -9.98 5.69 -1.86
CA ARG B 31 -11.21 5.01 -2.23
C ARG B 31 -12.41 5.73 -1.62
N GLU B 32 -12.38 5.99 -0.34
CA GLU B 32 -13.51 6.67 0.29
C GLU B 32 -13.71 8.05 -0.35
N GLN B 33 -12.64 8.66 -0.80
CA GLN B 33 -12.78 9.98 -1.40
C GLN B 33 -13.31 9.84 -2.83
N VAL B 34 -12.83 8.87 -3.57
CA VAL B 34 -13.31 8.68 -4.93
C VAL B 34 -14.82 8.47 -4.90
N ALA B 35 -15.29 7.58 -4.08
CA ALA B 35 -16.73 7.32 -4.02
C ALA B 35 -17.44 8.59 -3.54
N GLN B 36 -16.85 9.28 -2.60
CA GLN B 36 -17.47 10.51 -2.11
C GLN B 36 -17.48 11.55 -3.24
N LEU B 37 -16.55 11.45 -4.14
CA LEU B 37 -16.50 12.40 -5.25
C LEU B 37 -17.51 12.00 -6.32
N LYS B 38 -17.38 10.81 -6.84
CA LYS B 38 -18.32 10.36 -7.87
C LYS B 38 -19.74 10.64 -7.40
N GLN B 39 -20.03 10.41 -6.15
CA GLN B 39 -21.37 10.65 -5.64
C GLN B 39 -21.76 12.10 -5.91
N LYS B 40 -20.96 13.03 -5.47
CA LYS B 40 -21.28 14.44 -5.70
C LYS B 40 -21.56 14.66 -7.18
N VAL B 41 -21.01 13.83 -8.03
CA VAL B 41 -21.23 13.98 -9.46
C VAL B 41 -22.49 13.22 -9.87
N MET B 42 -22.93 12.32 -9.03
CA MET B 42 -24.13 11.55 -9.36
C MET B 42 -25.36 12.44 -9.17
N ASN B 43 -26.27 12.43 -10.10
CA ASN B 43 -27.46 13.26 -9.95
C ASN B 43 -28.70 12.48 -10.42
N TYR B 44 -28.95 12.45 -11.70
CA TYR B 44 -30.10 11.72 -12.21
C TYR B 44 -30.28 12.01 -13.70
N CYS A 2 19.37 -20.99 15.73
CA CYS A 2 19.21 -20.59 14.33
C CYS A 2 19.30 -21.82 13.43
N GLY A 3 18.71 -21.76 12.26
CA GLY A 3 18.77 -22.91 11.37
C GLY A 3 17.35 -23.40 11.07
N GLY A 4 16.82 -23.08 9.92
CA GLY A 4 15.48 -23.52 9.59
C GLY A 4 14.48 -22.38 9.78
N ARG A 5 14.73 -21.53 10.76
CA ARG A 5 13.80 -20.43 11.00
C ARG A 5 14.17 -19.25 10.09
N ILE A 6 15.40 -19.17 9.66
CA ILE A 6 15.80 -18.07 8.79
C ILE A 6 15.06 -18.18 7.45
N ALA A 7 14.74 -19.37 7.04
CA ALA A 7 14.03 -19.54 5.77
C ALA A 7 12.63 -18.96 5.90
N ARG A 8 12.04 -19.07 7.06
CA ARG A 8 10.69 -18.54 7.25
C ARG A 8 10.75 -17.00 7.25
N LEU A 9 11.57 -16.44 8.09
CA LEU A 9 11.67 -14.98 8.13
C LEU A 9 11.92 -14.44 6.72
N GLU A 10 12.76 -15.11 5.97
CA GLU A 10 13.03 -14.64 4.61
C GLU A 10 11.73 -14.63 3.80
N GLU A 11 10.99 -15.70 3.86
CA GLU A 11 9.73 -15.75 3.12
C GLU A 11 8.80 -14.67 3.64
N LYS A 12 9.05 -14.17 4.83
CA LYS A 12 8.19 -13.13 5.38
C LYS A 12 8.55 -11.78 4.75
N VAL A 13 9.81 -11.50 4.62
CA VAL A 13 10.20 -10.23 4.02
C VAL A 13 9.85 -10.25 2.53
N LYS A 14 9.79 -11.42 1.96
CA LYS A 14 9.45 -11.52 0.54
C LYS A 14 7.95 -11.26 0.37
N THR A 15 7.12 -12.10 0.95
CA THR A 15 5.69 -11.91 0.83
C THR A 15 5.35 -10.46 1.19
N LEU A 16 6.04 -9.91 2.16
CA LEU A 16 5.77 -8.52 2.55
C LEU A 16 6.05 -7.61 1.36
N LYS A 17 7.20 -7.74 0.75
CA LYS A 17 7.52 -6.89 -0.39
C LYS A 17 6.46 -7.10 -1.46
N ALA A 18 5.77 -8.21 -1.43
CA ALA A 18 4.75 -8.47 -2.42
C ALA A 18 3.55 -7.55 -2.18
N GLN A 19 2.85 -7.77 -1.10
CA GLN A 19 1.69 -6.92 -0.82
C GLN A 19 2.12 -5.47 -0.70
N ASN A 20 3.39 -5.21 -0.54
CA ASN A 20 3.85 -3.83 -0.43
C ASN A 20 3.78 -3.15 -1.80
N SER A 21 4.38 -3.75 -2.80
CA SER A 21 4.35 -3.15 -4.13
C SER A 21 2.91 -3.19 -4.65
N GLU A 22 2.12 -4.12 -4.20
CA GLU A 22 0.74 -4.20 -4.67
C GLU A 22 -0.04 -2.98 -4.18
N LEU A 23 -0.13 -2.80 -2.89
CA LEU A 23 -0.87 -1.66 -2.36
C LEU A 23 -0.32 -0.37 -2.97
N ALA A 24 0.98 -0.28 -3.13
CA ALA A 24 1.55 0.93 -3.71
C ALA A 24 0.95 1.18 -5.09
N SER A 25 0.89 0.17 -5.92
CA SER A 25 0.32 0.33 -7.25
C SER A 25 -1.12 0.83 -7.14
N THR A 26 -1.97 0.08 -6.50
CA THR A 26 -3.36 0.49 -6.36
C THR A 26 -3.43 1.92 -5.82
N ALA A 27 -2.41 2.35 -5.12
CA ALA A 27 -2.42 3.69 -4.57
C ALA A 27 -2.28 4.72 -5.70
N ASN A 28 -1.21 4.63 -6.46
CA ASN A 28 -1.02 5.58 -7.55
C ASN A 28 -2.15 5.45 -8.58
N MET A 29 -2.85 4.35 -8.57
CA MET A 29 -3.93 4.19 -9.54
C MET A 29 -5.17 4.96 -9.08
N LEU A 30 -5.47 4.92 -7.81
CA LEU A 30 -6.64 5.64 -7.33
C LEU A 30 -6.35 7.15 -7.32
N ARG A 31 -5.12 7.52 -7.14
CA ARG A 31 -4.79 8.94 -7.13
C ARG A 31 -4.83 9.48 -8.55
N GLU A 32 -4.20 8.81 -9.49
CA GLU A 32 -4.20 9.28 -10.86
C GLU A 32 -5.65 9.38 -11.37
N GLN A 33 -6.48 8.44 -11.02
CA GLN A 33 -7.86 8.50 -11.48
C GLN A 33 -8.60 9.62 -10.76
N VAL A 34 -8.24 9.91 -9.54
CA VAL A 34 -8.90 10.99 -8.83
C VAL A 34 -8.63 12.32 -9.53
N ALA A 35 -7.42 12.51 -9.98
CA ALA A 35 -7.09 13.76 -10.67
C ALA A 35 -7.83 13.80 -12.01
N GLN A 36 -7.95 12.67 -12.66
CA GLN A 36 -8.64 12.64 -13.94
C GLN A 36 -10.09 13.08 -13.73
N LEU A 37 -10.68 12.68 -12.64
CA LEU A 37 -12.07 13.06 -12.38
C LEU A 37 -12.16 14.58 -12.20
N LYS A 38 -11.33 15.13 -11.37
CA LYS A 38 -11.36 16.57 -11.16
C LYS A 38 -11.01 17.29 -12.47
N GLN A 39 -10.40 16.60 -13.39
CA GLN A 39 -10.04 17.22 -14.65
C GLN A 39 -11.31 17.60 -15.43
N LYS A 40 -12.31 16.77 -15.38
CA LYS A 40 -13.55 17.08 -16.10
C LYS A 40 -14.45 17.93 -15.21
N VAL A 41 -14.29 17.85 -13.92
CA VAL A 41 -15.13 18.65 -13.03
C VAL A 41 -14.69 20.11 -13.08
N MET A 42 -13.50 20.38 -13.55
CA MET A 42 -13.03 21.75 -13.62
C MET A 42 -13.89 22.53 -14.63
N ASN A 43 -14.81 23.32 -14.15
CA ASN A 43 -15.66 24.08 -15.07
C ASN A 43 -16.32 25.23 -14.29
N TYR A 44 -15.62 26.31 -14.10
CA TYR A 44 -16.19 27.44 -13.38
C TYR A 44 -16.62 28.51 -14.37
N CYS B 2 24.77 -17.31 12.26
CA CYS B 2 23.64 -16.59 12.83
C CYS B 2 24.08 -15.84 14.09
N GLY B 3 23.39 -14.79 14.44
CA GLY B 3 23.78 -14.03 15.63
C GLY B 3 24.10 -12.59 15.23
N GLY B 4 23.20 -11.68 15.48
CA GLY B 4 23.46 -10.29 15.13
C GLY B 4 22.73 -9.93 13.84
N ARG B 5 22.60 -10.87 12.94
CA ARG B 5 21.93 -10.58 11.68
C ARG B 5 20.42 -10.77 11.85
N ILE B 6 20.01 -11.56 12.82
CA ILE B 6 18.59 -11.79 13.02
C ILE B 6 17.94 -10.47 13.49
N ALA B 7 18.67 -9.65 14.17
CA ALA B 7 18.10 -8.39 14.64
C ALA B 7 17.82 -7.49 13.43
N ARG B 8 18.64 -7.57 12.42
CA ARG B 8 18.42 -6.74 11.24
C ARG B 8 17.19 -7.24 10.49
N LEU B 9 17.17 -8.50 10.15
CA LEU B 9 16.02 -9.04 9.43
C LEU B 9 14.74 -8.69 10.19
N GLU B 10 14.75 -8.78 11.49
CA GLU B 10 13.56 -8.47 12.27
C GLU B 10 13.17 -7.01 12.01
N GLU B 11 14.11 -6.11 12.08
CA GLU B 11 13.81 -4.71 11.83
C GLU B 11 13.31 -4.53 10.40
N LYS B 12 13.60 -5.49 9.55
CA LYS B 12 13.15 -5.39 8.17
C LYS B 12 11.68 -5.76 8.08
N VAL B 13 11.27 -6.81 8.74
CA VAL B 13 9.87 -7.20 8.71
C VAL B 13 9.04 -6.15 9.44
N LYS B 14 9.64 -5.46 10.37
CA LYS B 14 8.90 -4.44 11.11
C LYS B 14 8.71 -3.22 10.21
N THR B 15 9.78 -2.59 9.80
CA THR B 15 9.66 -1.42 8.94
C THR B 15 8.74 -1.77 7.76
N LEU B 16 8.81 -2.99 7.28
CA LEU B 16 7.95 -3.39 6.16
C LEU B 16 6.50 -3.29 6.60
N LYS B 17 6.16 -3.87 7.72
CA LYS B 17 4.78 -3.80 8.19
C LYS B 17 4.39 -2.33 8.35
N ALA B 18 5.36 -1.46 8.49
CA ALA B 18 5.06 -0.04 8.66
C ALA B 18 4.55 0.53 7.32
N GLN B 19 5.41 0.63 6.35
CA GLN B 19 4.99 1.17 5.06
C GLN B 19 3.86 0.32 4.50
N ASN B 20 3.68 -0.86 5.02
CA ASN B 20 2.61 -1.74 4.54
C ASN B 20 1.25 -1.18 4.98
N SER B 21 1.07 -0.99 6.26
CA SER B 21 -0.20 -0.47 6.75
C SER B 21 -0.38 0.97 6.26
N GLU B 22 0.69 1.65 5.99
CA GLU B 22 0.58 3.03 5.52
C GLU B 22 -0.05 3.05 4.13
N LEU B 23 0.58 2.43 3.17
CA LEU B 23 0.02 2.41 1.83
C LEU B 23 -1.42 1.89 1.87
N ALA B 24 -1.68 0.90 2.67
CA ALA B 24 -3.03 0.36 2.75
C ALA B 24 -4.01 1.47 3.14
N SER B 25 -3.67 2.24 4.14
CA SER B 25 -4.57 3.32 4.56
C SER B 25 -4.79 4.28 3.39
N THR B 26 -3.74 4.87 2.88
CA THR B 26 -3.89 5.80 1.78
C THR B 26 -4.72 5.15 0.66
N ALA B 27 -4.71 3.85 0.58
CA ALA B 27 -5.48 3.18 -0.46
C ALA B 27 -6.98 3.33 -0.19
N ASN B 28 -7.43 2.88 0.95
CA ASN B 28 -8.85 2.98 1.27
C ASN B 28 -9.27 4.45 1.32
N MET B 29 -8.34 5.35 1.46
CA MET B 29 -8.70 6.76 1.53
C MET B 29 -8.96 7.31 0.11
N LEU B 30 -8.15 6.91 -0.83
CA LEU B 30 -8.36 7.40 -2.19
C LEU B 30 -9.59 6.71 -2.81
N ARG B 31 -9.87 5.52 -2.39
CA ARG B 31 -11.03 4.81 -2.93
C ARG B 31 -12.31 5.41 -2.34
N GLU B 32 -12.36 5.57 -1.04
CA GLU B 32 -13.56 6.13 -0.42
C GLU B 32 -13.83 7.52 -1.01
N GLN B 33 -12.81 8.30 -1.23
CA GLN B 33 -13.02 9.64 -1.77
C GLN B 33 -13.46 9.53 -3.24
N VAL B 34 -12.99 8.53 -3.94
CA VAL B 34 -13.39 8.38 -5.33
C VAL B 34 -14.89 8.12 -5.40
N ALA B 35 -15.40 7.31 -4.52
CA ALA B 35 -16.83 7.02 -4.54
C ALA B 35 -17.60 8.29 -4.15
N GLN B 36 -17.08 9.04 -3.23
CA GLN B 36 -17.76 10.26 -2.82
C GLN B 36 -17.88 11.20 -4.02
N LEU B 37 -16.87 11.26 -4.85
CA LEU B 37 -16.92 12.12 -6.01
C LEU B 37 -18.03 11.64 -6.95
N LYS B 38 -18.04 10.37 -7.28
CA LYS B 38 -19.07 9.87 -8.18
C LYS B 38 -20.44 10.03 -7.51
N GLN B 39 -20.48 10.23 -6.22
CA GLN B 39 -21.75 10.38 -5.54
C GLN B 39 -22.42 11.68 -5.99
N LYS B 40 -21.66 12.72 -6.18
CA LYS B 40 -22.24 13.99 -6.62
C LYS B 40 -22.33 14.01 -8.14
N VAL B 41 -21.52 13.25 -8.81
CA VAL B 41 -21.56 13.24 -10.27
C VAL B 41 -22.81 12.48 -10.74
N MET B 42 -23.38 11.68 -9.88
CA MET B 42 -24.57 10.92 -10.27
C MET B 42 -25.72 11.88 -10.54
N ASN B 43 -26.00 12.16 -11.78
CA ASN B 43 -27.10 13.07 -12.10
C ASN B 43 -27.51 12.88 -13.56
N TYR B 44 -28.32 11.88 -13.82
CA TYR B 44 -28.76 11.64 -15.20
C TYR B 44 -30.18 12.18 -15.38
N CYS A 2 24.53 -19.59 10.58
CA CYS A 2 23.40 -20.33 11.11
C CYS A 2 22.66 -21.01 9.96
N GLY A 3 21.70 -20.34 9.39
CA GLY A 3 20.93 -20.93 8.30
C GLY A 3 19.73 -21.69 8.85
N GLY A 4 18.55 -21.34 8.43
CA GLY A 4 17.37 -22.03 8.91
C GLY A 4 16.27 -21.01 9.22
N ARG A 5 16.50 -20.13 10.16
CA ARG A 5 15.49 -19.14 10.49
C ARG A 5 15.56 -17.98 9.49
N ILE A 6 16.63 -17.89 8.75
CA ILE A 6 16.76 -16.81 7.77
C ILE A 6 15.92 -17.14 6.54
N ALA A 7 16.07 -18.33 6.01
CA ALA A 7 15.31 -18.71 4.83
C ALA A 7 13.83 -18.34 5.04
N ARG A 8 13.32 -18.55 6.23
CA ARG A 8 11.93 -18.23 6.48
C ARG A 8 11.79 -16.71 6.68
N LEU A 9 12.58 -16.13 7.55
CA LEU A 9 12.49 -14.70 7.77
C LEU A 9 12.46 -13.98 6.43
N GLU A 10 13.26 -14.42 5.49
CA GLU A 10 13.29 -13.77 4.19
C GLU A 10 12.00 -14.11 3.44
N GLU A 11 11.55 -15.33 3.54
CA GLU A 11 10.32 -15.71 2.85
C GLU A 11 9.21 -14.76 3.26
N LYS A 12 9.18 -14.35 4.50
CA LYS A 12 8.15 -13.43 4.96
C LYS A 12 8.42 -12.05 4.33
N VAL A 13 9.56 -11.50 4.58
CA VAL A 13 9.87 -10.18 4.01
C VAL A 13 9.49 -10.18 2.52
N LYS A 14 9.54 -11.32 1.90
CA LYS A 14 9.18 -11.38 0.48
C LYS A 14 7.67 -11.21 0.34
N THR A 15 6.91 -11.95 1.10
CA THR A 15 5.46 -11.83 1.02
C THR A 15 5.07 -10.36 1.21
N LEU A 16 5.62 -9.73 2.22
CA LEU A 16 5.29 -8.33 2.46
C LEU A 16 5.62 -7.51 1.21
N LYS A 17 6.79 -7.72 0.65
CA LYS A 17 7.16 -6.97 -0.54
C LYS A 17 6.02 -7.06 -1.56
N ALA A 18 5.59 -8.26 -1.87
CA ALA A 18 4.50 -8.40 -2.83
C ALA A 18 3.35 -7.49 -2.45
N GLN A 19 2.74 -7.73 -1.31
CA GLN A 19 1.63 -6.88 -0.89
C GLN A 19 2.03 -5.42 -1.03
N ASN A 20 3.27 -5.10 -0.75
CA ASN A 20 3.72 -3.71 -0.87
C ASN A 20 3.50 -3.24 -2.29
N SER A 21 4.21 -3.80 -3.24
CA SER A 21 4.04 -3.37 -4.62
C SER A 21 2.56 -3.38 -4.98
N GLU A 22 1.85 -4.40 -4.59
CA GLU A 22 0.42 -4.47 -4.90
C GLU A 22 -0.26 -3.20 -4.39
N LEU A 23 -0.36 -3.05 -3.10
CA LEU A 23 -1.00 -1.85 -2.55
C LEU A 23 -0.50 -0.61 -3.29
N ALA A 24 0.78 -0.41 -3.32
CA ALA A 24 1.32 0.75 -4.00
C ALA A 24 0.68 0.90 -5.39
N SER A 25 0.48 -0.20 -6.07
CA SER A 25 -0.13 -0.13 -7.40
C SER A 25 -1.54 0.46 -7.29
N THR A 26 -2.41 -0.19 -6.55
CA THR A 26 -3.77 0.32 -6.42
C THR A 26 -3.72 1.81 -6.09
N ALA A 27 -2.86 2.21 -5.19
CA ALA A 27 -2.77 3.63 -4.85
C ALA A 27 -2.28 4.41 -6.07
N ASN A 28 -1.39 3.84 -6.84
CA ASN A 28 -0.89 4.55 -8.02
C ASN A 28 -2.05 4.84 -8.97
N MET A 29 -2.79 3.83 -9.35
CA MET A 29 -3.92 4.07 -10.25
C MET A 29 -4.87 5.07 -9.62
N LEU A 30 -5.27 4.84 -8.40
CA LEU A 30 -6.19 5.77 -7.75
C LEU A 30 -5.67 7.20 -7.96
N ARG A 31 -4.38 7.39 -7.93
CA ARG A 31 -3.83 8.71 -8.13
C ARG A 31 -3.90 9.09 -9.60
N GLU A 32 -3.94 8.11 -10.47
CA GLU A 32 -4.03 8.41 -11.90
C GLU A 32 -5.42 8.92 -12.22
N GLN A 33 -6.44 8.28 -11.71
CA GLN A 33 -7.79 8.74 -11.99
C GLN A 33 -8.07 10.00 -11.18
N VAL A 34 -7.43 10.17 -10.06
CA VAL A 34 -7.64 11.36 -9.26
C VAL A 34 -6.96 12.55 -9.93
N ALA A 35 -5.78 12.35 -10.46
CA ALA A 35 -5.08 13.45 -11.11
C ALA A 35 -5.89 13.90 -12.33
N GLN A 36 -6.30 12.98 -13.16
CA GLN A 36 -7.08 13.35 -14.34
C GLN A 36 -8.42 13.91 -13.88
N LEU A 37 -8.92 13.47 -12.76
CA LEU A 37 -10.19 13.96 -12.26
C LEU A 37 -10.06 15.47 -12.01
N LYS A 38 -9.09 15.87 -11.24
CA LYS A 38 -8.92 17.29 -10.95
C LYS A 38 -8.81 18.06 -12.28
N GLN A 39 -7.92 17.65 -13.14
CA GLN A 39 -7.76 18.32 -14.41
C GLN A 39 -9.12 18.47 -15.10
N LYS A 40 -9.93 17.44 -15.06
CA LYS A 40 -11.23 17.52 -15.71
C LYS A 40 -12.07 18.61 -15.04
N VAL A 41 -12.13 18.63 -13.73
CA VAL A 41 -12.92 19.65 -13.06
C VAL A 41 -12.35 21.03 -13.37
N MET A 42 -11.16 21.32 -12.89
CA MET A 42 -10.57 22.62 -13.17
C MET A 42 -10.23 22.72 -14.65
N ASN A 43 -11.23 22.83 -15.50
CA ASN A 43 -10.97 22.92 -16.93
C ASN A 43 -11.68 24.16 -17.50
N TYR A 44 -11.42 24.48 -18.74
CA TYR A 44 -12.05 25.64 -19.35
C TYR A 44 -11.69 26.89 -18.56
N CYS B 2 20.26 -19.33 17.67
CA CYS B 2 21.26 -18.45 17.07
C CYS B 2 21.17 -17.06 17.71
N GLY B 3 20.36 -16.19 17.17
CA GLY B 3 20.23 -14.85 17.73
C GLY B 3 21.25 -13.92 17.08
N GLY B 4 20.80 -12.85 16.50
CA GLY B 4 21.72 -11.92 15.86
C GLY B 4 21.17 -11.48 14.51
N ARG B 5 21.01 -12.40 13.59
CA ARG B 5 20.49 -12.04 12.28
C ARG B 5 18.96 -11.95 12.34
N ILE B 6 18.37 -12.48 13.38
CA ILE B 6 16.92 -12.42 13.50
C ILE B 6 16.50 -11.04 13.98
N ALA B 7 17.13 -10.54 15.01
CA ALA B 7 16.77 -9.21 15.50
C ALA B 7 16.72 -8.23 14.34
N ARG B 8 17.63 -8.34 13.41
CA ARG B 8 17.62 -7.42 12.27
C ARG B 8 16.53 -7.85 11.28
N LEU B 9 16.54 -9.10 10.90
CA LEU B 9 15.53 -9.57 9.95
C LEU B 9 14.15 -9.10 10.40
N GLU B 10 13.88 -9.16 11.68
CA GLU B 10 12.58 -8.72 12.18
C GLU B 10 12.50 -7.19 12.09
N GLU B 11 13.58 -6.51 12.40
CA GLU B 11 13.55 -5.06 12.32
C GLU B 11 13.11 -4.65 10.93
N LYS B 12 13.53 -5.36 9.93
CA LYS B 12 13.14 -5.03 8.56
C LYS B 12 11.66 -5.33 8.39
N VAL B 13 11.27 -6.56 8.61
CA VAL B 13 9.86 -6.92 8.45
C VAL B 13 9.00 -5.87 9.16
N LYS B 14 9.53 -5.25 10.18
CA LYS B 14 8.77 -4.24 10.90
C LYS B 14 8.65 -3.00 10.03
N THR B 15 9.75 -2.52 9.51
CA THR B 15 9.71 -1.34 8.65
C THR B 15 8.67 -1.56 7.54
N LEU B 16 8.74 -2.69 6.90
CA LEU B 16 7.78 -2.97 5.83
C LEU B 16 6.36 -2.87 6.37
N LYS B 17 6.10 -3.47 7.50
CA LYS B 17 4.76 -3.40 8.08
C LYS B 17 4.31 -1.95 8.12
N ALA B 18 5.11 -1.08 8.67
CA ALA B 18 4.74 0.33 8.73
C ALA B 18 4.32 0.80 7.35
N GLN B 19 5.23 0.81 6.42
CA GLN B 19 4.90 1.27 5.07
C GLN B 19 3.62 0.55 4.62
N ASN B 20 3.45 -0.67 5.00
CA ASN B 20 2.25 -1.41 4.60
C ASN B 20 1.01 -0.68 5.13
N SER B 21 0.86 -0.61 6.42
CA SER B 21 -0.31 0.08 6.98
C SER B 21 -0.41 1.47 6.35
N GLU B 22 0.68 2.17 6.23
CA GLU B 22 0.65 3.50 5.64
C GLU B 22 -0.02 3.43 4.26
N LEU B 23 0.64 2.83 3.32
CA LEU B 23 0.06 2.72 1.98
C LEU B 23 -1.41 2.30 2.09
N ALA B 24 -1.68 1.22 2.75
CA ALA B 24 -3.06 0.76 2.88
C ALA B 24 -3.95 1.93 3.30
N SER B 25 -3.48 2.77 4.19
CA SER B 25 -4.29 3.90 4.63
C SER B 25 -4.57 4.82 3.45
N THR B 26 -3.55 5.35 2.82
CA THR B 26 -3.77 6.23 1.69
C THR B 26 -4.79 5.60 0.73
N ALA B 27 -4.63 4.32 0.47
CA ALA B 27 -5.56 3.66 -0.44
C ALA B 27 -6.95 3.64 0.19
N ASN B 28 -7.03 3.46 1.48
CA ASN B 28 -8.32 3.43 2.14
C ASN B 28 -9.04 4.76 1.92
N MET B 29 -8.42 5.86 2.27
CA MET B 29 -9.06 7.15 2.07
C MET B 29 -9.42 7.31 0.59
N LEU B 30 -8.47 7.09 -0.29
CA LEU B 30 -8.76 7.23 -1.71
C LEU B 30 -10.06 6.50 -2.03
N ARG B 31 -10.29 5.38 -1.40
CA ARG B 31 -11.51 4.62 -1.65
C ARG B 31 -12.68 5.32 -0.95
N GLU B 32 -12.41 6.08 0.08
CA GLU B 32 -13.50 6.76 0.78
C GLU B 32 -14.01 7.91 -0.10
N GLN B 33 -13.12 8.67 -0.67
CA GLN B 33 -13.55 9.78 -1.52
C GLN B 33 -14.06 9.22 -2.85
N VAL B 34 -13.57 8.09 -3.26
CA VAL B 34 -14.03 7.51 -4.52
C VAL B 34 -15.43 6.94 -4.32
N ALA B 35 -15.66 6.29 -3.22
CA ALA B 35 -16.98 5.73 -2.96
C ALA B 35 -18.02 6.85 -2.90
N GLN B 36 -17.74 7.87 -2.12
CA GLN B 36 -18.69 8.98 -2.02
C GLN B 36 -18.78 9.68 -3.38
N LEU B 37 -17.71 9.66 -4.13
CA LEU B 37 -17.72 10.30 -5.44
C LEU B 37 -18.78 9.63 -6.31
N LYS B 38 -18.71 8.33 -6.46
CA LYS B 38 -19.69 7.63 -7.27
C LYS B 38 -21.09 7.96 -6.78
N GLN B 39 -21.34 7.78 -5.51
CA GLN B 39 -22.65 8.09 -4.96
C GLN B 39 -23.08 9.50 -5.39
N LYS B 40 -22.18 10.44 -5.34
CA LYS B 40 -22.54 11.80 -5.72
C LYS B 40 -22.95 11.83 -7.20
N VAL B 41 -22.18 11.22 -8.06
CA VAL B 41 -22.53 11.22 -9.47
C VAL B 41 -23.86 10.50 -9.68
N MET B 42 -23.91 9.21 -9.44
CA MET B 42 -25.15 8.48 -9.61
C MET B 42 -26.15 8.92 -8.54
N ASN B 43 -26.66 10.11 -8.64
CA ASN B 43 -27.61 10.59 -7.64
C ASN B 43 -28.88 11.07 -8.32
N TYR B 44 -29.90 11.39 -7.57
CA TYR B 44 -31.14 11.87 -8.16
C TYR B 44 -31.70 10.80 -9.10
N CYS A 2 24.34 -18.51 10.76
CA CYS A 2 23.23 -19.43 10.93
C CYS A 2 22.81 -19.98 9.57
N GLY A 3 21.79 -20.79 9.51
CA GLY A 3 21.34 -21.34 8.24
C GLY A 3 20.20 -22.32 8.48
N GLY A 4 18.99 -21.91 8.24
CA GLY A 4 17.86 -22.81 8.44
C GLY A 4 16.59 -21.99 8.69
N ARG A 5 16.57 -21.23 9.75
CA ARG A 5 15.39 -20.42 10.04
C ARG A 5 15.58 -19.01 9.46
N ILE A 6 16.80 -18.58 9.34
CA ILE A 6 17.06 -17.25 8.79
C ILE A 6 16.61 -17.19 7.33
N ALA A 7 17.03 -18.13 6.53
CA ALA A 7 16.63 -18.12 5.12
C ALA A 7 15.11 -18.26 5.01
N ARG A 8 14.49 -18.85 6.00
CA ARG A 8 13.05 -19.01 5.96
C ARG A 8 12.39 -17.64 6.15
N LEU A 9 12.55 -17.04 7.30
CA LEU A 9 11.96 -15.73 7.53
C LEU A 9 12.37 -14.80 6.40
N GLU A 10 13.44 -15.10 5.72
CA GLU A 10 13.89 -14.26 4.63
C GLU A 10 12.89 -14.36 3.47
N GLU A 11 12.59 -15.55 3.04
CA GLU A 11 11.63 -15.71 1.95
C GLU A 11 10.31 -15.04 2.35
N LYS A 12 9.99 -15.08 3.62
CA LYS A 12 8.75 -14.45 4.07
C LYS A 12 8.85 -12.94 3.86
N VAL A 13 9.99 -12.37 4.16
CA VAL A 13 10.14 -10.93 3.97
C VAL A 13 9.97 -10.61 2.48
N LYS A 14 10.33 -11.53 1.63
CA LYS A 14 10.19 -11.28 0.19
C LYS A 14 8.71 -11.18 -0.16
N THR A 15 7.93 -12.17 0.19
CA THR A 15 6.51 -12.12 -0.12
C THR A 15 5.93 -10.79 0.39
N LEU A 16 6.26 -10.42 1.60
CA LEU A 16 5.75 -9.17 2.13
C LEU A 16 6.06 -8.04 1.14
N LYS A 17 7.28 -8.00 0.65
CA LYS A 17 7.64 -6.96 -0.30
C LYS A 17 6.65 -6.98 -1.46
N ALA A 18 6.30 -8.14 -1.93
CA ALA A 18 5.37 -8.24 -3.04
C ALA A 18 4.08 -7.48 -2.70
N GLN A 19 3.44 -7.85 -1.62
CA GLN A 19 2.20 -7.18 -1.25
C GLN A 19 2.42 -5.65 -1.25
N ASN A 20 3.58 -5.20 -0.86
CA ASN A 20 3.83 -3.76 -0.85
C ASN A 20 3.67 -3.22 -2.28
N SER A 21 4.30 -3.84 -3.24
CA SER A 21 4.19 -3.36 -4.61
C SER A 21 2.71 -3.44 -5.04
N GLU A 22 1.98 -4.37 -4.51
CA GLU A 22 0.57 -4.50 -4.87
C GLU A 22 -0.16 -3.22 -4.48
N LEU A 23 -0.18 -2.90 -3.21
CA LEU A 23 -0.86 -1.69 -2.76
C LEU A 23 -0.28 -0.48 -3.50
N ALA A 24 0.97 -0.55 -3.90
CA ALA A 24 1.56 0.57 -4.60
C ALA A 24 0.80 0.83 -5.91
N SER A 25 0.52 -0.19 -6.66
CA SER A 25 -0.21 -0.01 -7.91
C SER A 25 -1.61 0.49 -7.62
N THR A 26 -2.26 -0.07 -6.63
CA THR A 26 -3.62 0.37 -6.30
C THR A 26 -3.63 1.88 -6.07
N ALA A 27 -2.64 2.38 -5.38
CA ALA A 27 -2.60 3.82 -5.12
C ALA A 27 -2.48 4.58 -6.44
N ASN A 28 -1.49 4.27 -7.23
CA ASN A 28 -1.32 4.97 -8.49
C ASN A 28 -2.59 4.81 -9.33
N MET A 29 -3.40 3.84 -9.03
CA MET A 29 -4.63 3.64 -9.79
C MET A 29 -5.65 4.70 -9.39
N LEU A 30 -6.05 4.72 -8.16
CA LEU A 30 -7.02 5.72 -7.72
C LEU A 30 -6.45 7.11 -7.95
N ARG A 31 -5.16 7.22 -8.10
CA ARG A 31 -4.55 8.52 -8.33
C ARG A 31 -4.72 8.93 -9.79
N GLU A 32 -4.60 8.01 -10.71
CA GLU A 32 -4.76 8.36 -12.11
C GLU A 32 -6.22 8.69 -12.39
N GLN A 33 -7.14 8.06 -11.70
CA GLN A 33 -8.54 8.34 -11.93
C GLN A 33 -8.91 9.68 -11.28
N VAL A 34 -8.38 9.95 -10.11
CA VAL A 34 -8.69 11.21 -9.45
C VAL A 34 -8.01 12.36 -10.19
N ALA A 35 -6.92 12.09 -10.87
CA ALA A 35 -6.23 13.13 -11.59
C ALA A 35 -7.06 13.52 -12.82
N GLN A 36 -7.45 12.56 -13.60
CA GLN A 36 -8.25 12.86 -14.79
C GLN A 36 -9.61 13.38 -14.34
N LEU A 37 -10.02 13.06 -13.15
CA LEU A 37 -11.30 13.53 -12.66
C LEU A 37 -11.21 15.03 -12.35
N LYS A 38 -10.15 15.46 -11.74
CA LYS A 38 -10.01 16.87 -11.42
C LYS A 38 -9.65 17.65 -12.69
N GLN A 39 -9.15 16.97 -13.69
CA GLN A 39 -8.79 17.65 -14.92
C GLN A 39 -10.05 18.24 -15.56
N LYS A 40 -11.19 17.66 -15.30
CA LYS A 40 -12.42 18.17 -15.88
C LYS A 40 -12.89 19.39 -15.09
N VAL A 41 -12.41 19.54 -13.87
CA VAL A 41 -12.82 20.67 -13.06
C VAL A 41 -11.87 21.84 -13.33
N MET A 42 -10.67 21.56 -13.78
CA MET A 42 -9.73 22.64 -14.06
C MET A 42 -9.99 23.19 -15.46
N ASN A 43 -10.50 22.39 -16.34
CA ASN A 43 -10.77 22.87 -17.70
C ASN A 43 -12.13 23.57 -17.73
N TYR A 44 -13.11 23.02 -17.09
CA TYR A 44 -14.43 23.65 -17.09
C TYR A 44 -14.92 23.79 -15.64
N CYS B 2 19.44 -19.51 17.12
CA CYS B 2 20.36 -18.42 16.81
C CYS B 2 20.03 -17.21 17.69
N GLY B 3 20.73 -16.13 17.53
CA GLY B 3 20.47 -14.95 18.33
C GLY B 3 21.49 -13.86 18.00
N GLY B 4 21.11 -12.88 17.22
CA GLY B 4 22.04 -11.82 16.88
C GLY B 4 21.61 -11.18 15.56
N ARG B 5 21.61 -11.94 14.49
CA ARG B 5 21.22 -11.39 13.21
C ARG B 5 19.73 -11.67 12.97
N ILE B 6 19.21 -12.71 13.56
CA ILE B 6 17.80 -13.03 13.37
C ILE B 6 16.93 -11.94 14.00
N ALA B 7 17.20 -11.57 15.22
CA ALA B 7 16.39 -10.52 15.86
C ALA B 7 16.56 -9.23 15.08
N ARG B 8 17.66 -9.06 14.39
CA ARG B 8 17.87 -7.83 13.63
C ARG B 8 16.91 -7.81 12.44
N LEU B 9 17.10 -8.72 11.52
CA LEU B 9 16.21 -8.77 10.36
C LEU B 9 14.76 -8.78 10.84
N GLU B 10 14.55 -9.20 12.06
CA GLU B 10 13.18 -9.24 12.58
C GLU B 10 12.67 -7.81 12.75
N GLU B 11 13.40 -6.99 13.45
CA GLU B 11 12.97 -5.61 13.64
C GLU B 11 12.76 -4.97 12.27
N LYS B 12 13.54 -5.36 11.30
CA LYS B 12 13.40 -4.79 9.96
C LYS B 12 12.04 -5.21 9.40
N VAL B 13 11.67 -6.45 9.59
CA VAL B 13 10.38 -6.91 9.08
C VAL B 13 9.27 -6.10 9.74
N LYS B 14 9.49 -5.66 10.95
CA LYS B 14 8.47 -4.88 11.64
C LYS B 14 8.28 -3.55 10.91
N THR B 15 9.35 -2.80 10.75
CA THR B 15 9.23 -1.52 10.06
C THR B 15 8.49 -1.72 8.74
N LEU B 16 8.88 -2.73 7.99
CA LEU B 16 8.20 -2.98 6.72
C LEU B 16 6.70 -3.06 6.96
N LYS B 17 6.29 -3.78 7.96
CA LYS B 17 4.87 -3.89 8.26
C LYS B 17 4.28 -2.49 8.41
N ALA B 18 4.98 -1.62 9.08
CA ALA B 18 4.49 -0.26 9.26
C ALA B 18 4.15 0.36 7.90
N GLN B 19 5.11 0.42 7.03
CA GLN B 19 4.87 0.99 5.71
C GLN B 19 3.63 0.35 5.09
N ASN B 20 3.40 -0.91 5.35
CA ASN B 20 2.23 -1.58 4.79
C ASN B 20 0.96 -0.88 5.28
N SER B 21 0.87 -0.63 6.55
CA SER B 21 -0.31 0.03 7.09
C SER B 21 -0.39 1.45 6.51
N GLU B 22 0.73 2.05 6.21
CA GLU B 22 0.72 3.40 5.66
C GLU B 22 -0.03 3.38 4.32
N LEU B 23 0.46 2.65 3.37
CA LEU B 23 -0.22 2.60 2.08
C LEU B 23 -1.67 2.16 2.27
N ALA B 24 -1.93 1.38 3.29
CA ALA B 24 -3.30 0.93 3.52
C ALA B 24 -4.20 2.14 3.74
N SER B 25 -3.80 3.06 4.57
CA SER B 25 -4.63 4.23 4.83
C SER B 25 -4.76 5.05 3.54
N THR B 26 -3.67 5.24 2.83
CA THR B 26 -3.73 6.02 1.61
C THR B 26 -4.81 5.46 0.69
N ALA B 27 -4.90 4.16 0.59
CA ALA B 27 -5.91 3.55 -0.28
C ALA B 27 -7.30 3.92 0.23
N ASN B 28 -7.59 3.61 1.47
CA ASN B 28 -8.90 3.94 2.01
C ASN B 28 -9.18 5.44 1.87
N MET B 29 -8.15 6.22 1.67
CA MET B 29 -8.35 7.66 1.53
C MET B 29 -8.90 7.94 0.13
N LEU B 30 -8.16 7.62 -0.89
CA LEU B 30 -8.64 7.87 -2.25
C LEU B 30 -9.96 7.11 -2.46
N ARG B 31 -10.22 6.12 -1.64
CA ARG B 31 -11.45 5.35 -1.80
C ARG B 31 -12.62 6.13 -1.20
N GLU B 32 -12.41 6.79 -0.09
CA GLU B 32 -13.50 7.55 0.52
C GLU B 32 -13.83 8.76 -0.35
N GLN B 33 -12.85 9.32 -1.00
CA GLN B 33 -13.12 10.48 -1.85
C GLN B 33 -13.80 10.03 -3.14
N VAL B 34 -13.37 8.92 -3.69
CA VAL B 34 -13.97 8.44 -4.93
C VAL B 34 -15.39 7.93 -4.63
N ALA B 35 -15.63 7.49 -3.43
CA ALA B 35 -16.96 7.00 -3.09
C ALA B 35 -17.92 8.18 -3.01
N GLN B 36 -17.57 9.20 -2.26
CA GLN B 36 -18.45 10.36 -2.15
C GLN B 36 -18.52 11.06 -3.51
N LEU B 37 -17.53 10.86 -4.34
CA LEU B 37 -17.54 11.50 -5.65
C LEU B 37 -18.56 10.81 -6.54
N LYS B 38 -18.64 9.51 -6.50
CA LYS B 38 -19.61 8.80 -7.34
C LYS B 38 -21.00 8.94 -6.71
N GLN B 39 -21.08 9.27 -5.45
CA GLN B 39 -22.37 9.42 -4.81
C GLN B 39 -23.13 10.58 -5.45
N LYS B 40 -22.42 11.53 -6.01
CA LYS B 40 -23.08 12.66 -6.63
C LYS B 40 -23.57 12.25 -8.02
N VAL B 41 -23.02 11.21 -8.57
CA VAL B 41 -23.44 10.76 -9.89
C VAL B 41 -24.61 9.79 -9.75
N MET B 42 -24.73 9.15 -8.62
CA MET B 42 -25.84 8.21 -8.42
C MET B 42 -27.08 8.98 -7.97
N ASN B 43 -26.91 10.10 -7.33
CA ASN B 43 -28.05 10.87 -6.89
C ASN B 43 -28.55 11.76 -8.03
N TYR B 44 -27.65 12.38 -8.74
CA TYR B 44 -28.06 13.24 -9.85
C TYR B 44 -27.29 12.84 -11.11
#